data_5NAT
#
_entry.id   5NAT
#
_cell.length_a   39.438
_cell.length_b   49.676
_cell.length_c   55.562
_cell.angle_alpha   90.00
_cell.angle_beta   106.02
_cell.angle_gamma   90.00
#
_symmetry.space_group_name_H-M   'P 1 21 1'
#
loop_
_entity.id
_entity.type
_entity.pdbx_description
1 polymer 'Complement factor D'
2 non-polymer GLYCEROL
3 non-polymer (2~{S})-~{N}1-(1-methylindol-3-yl)-~{N}2-[3-(trifluoromethyloxy)phenyl]pyrrolidine-1,2-dicarboxamide
4 water water
#
_entity_poly.entity_id   1
_entity_poly.type   'polypeptide(L)'
_entity_poly.pdbx_seq_one_letter_code
;ILGGREAEAHARPYMASVQLNGAHLCGGVLVAEQWVLSAAHCLEDAADGKVQVLLGAHSLSQPEPSKRLYDVLRAVPHPD
SQPDTIDHDLLLLQLSEKATLGPAVRPLPWQRVDRDVAPGTLCDVAGWGIVNHAGRRPDSLQHVLLPVLDRATCNRRTHH
DGAITERLMCAESNRRDSCKGDSGGPLVCGGVLEGVVTSGSRVCGNRKKPGIYTRVASYAAWIDSVLASAAA
;
_entity_poly.pdbx_strand_id   A
#
loop_
_chem_comp.id
_chem_comp.type
_chem_comp.name
_chem_comp.formula
8RT non-polymer (2~{S})-~{N}1-(1-methylindol-3-yl)-~{N}2-[3-(trifluoromethyloxy)phenyl]pyrrolidine-1,2-dicarboxamide 'C22 H21 F3 N4 O3'
GOL non-polymer GLYCEROL 'C3 H8 O3'
#
# COMPACT_ATOMS: atom_id res chain seq x y z
N ILE A 1 1.14 10.58 3.89
CA ILE A 1 -0.29 10.72 4.32
C ILE A 1 -0.54 12.19 4.62
N LEU A 2 -1.55 12.76 3.98
CA LEU A 2 -1.97 14.12 4.27
C LEU A 2 -3.18 14.13 5.19
N GLY A 3 -3.16 15.05 6.15
CA GLY A 3 -4.32 15.23 7.01
C GLY A 3 -4.52 14.09 8.00
N GLY A 4 -3.46 13.33 8.24
CA GLY A 4 -3.52 12.19 9.15
C GLY A 4 -2.90 12.51 10.49
N ARG A 5 -2.46 11.46 11.17
CA ARG A 5 -1.89 11.56 12.52
C ARG A 5 -0.84 10.47 12.63
N GLU A 6 0.09 10.65 13.56
CA GLU A 6 1.08 9.64 13.81
C GLU A 6 0.37 8.38 14.29
N ALA A 7 0.69 7.24 13.68
CA ALA A 7 0.10 5.97 14.06
C ALA A 7 0.60 5.51 15.44
N GLU A 8 -0.22 4.71 16.12
CA GLU A 8 0.19 4.01 17.33
C GLU A 8 1.29 3.00 16.96
N ALA A 9 2.46 3.15 17.56
CA ALA A 9 3.61 2.31 17.20
C ALA A 9 3.27 0.82 17.29
N HIS A 10 3.51 0.10 16.19
CA HIS A 10 3.36 -1.36 16.13
C HIS A 10 1.93 -1.86 16.19
N ALA A 11 0.96 -0.96 16.10
CA ALA A 11 -0.45 -1.37 16.10
C ALA A 11 -0.92 -1.93 14.77
N ARG A 12 -0.10 -1.82 13.73
CA ARG A 12 -0.39 -2.35 12.38
C ARG A 12 0.79 -3.25 12.04
N PRO A 13 0.79 -4.47 12.61
CA PRO A 13 2.00 -5.30 12.51
C PRO A 13 2.24 -5.88 11.10
N TYR A 14 1.28 -5.67 10.21
CA TYR A 14 1.39 -6.04 8.82
C TYR A 14 2.08 -4.98 7.96
N MET A 15 2.35 -3.81 8.51
N MET A 15 2.34 -3.80 8.51
CA MET A 15 2.79 -2.69 7.69
CA MET A 15 2.87 -2.72 7.70
C MET A 15 4.28 -2.83 7.33
C MET A 15 4.30 -3.00 7.29
N ALA A 16 4.60 -2.69 6.04
CA ALA A 16 5.95 -2.81 5.53
C ALA A 16 6.40 -1.51 4.89
N SER A 17 7.69 -1.21 5.04
CA SER A 17 8.35 -0.19 4.22
C SER A 17 9.21 -0.89 3.18
N VAL A 18 8.87 -0.67 1.90
CA VAL A 18 9.66 -1.19 0.80
C VAL A 18 10.72 -0.16 0.51
N GLN A 19 11.98 -0.60 0.56
CA GLN A 19 13.12 0.30 0.52
C GLN A 19 13.97 0.01 -0.70
N LEU A 20 14.57 1.07 -1.23
CA LEU A 20 15.46 0.93 -2.35
C LEU A 20 16.75 1.62 -1.95
N ASN A 21 17.84 0.86 -1.95
CA ASN A 21 19.14 1.37 -1.50
C ASN A 21 19.06 2.07 -0.15
N GLY A 22 18.32 1.47 0.77
CA GLY A 22 18.24 1.94 2.15
C GLY A 22 17.29 3.08 2.43
N ALA A 23 16.55 3.54 1.42
CA ALA A 23 15.62 4.63 1.62
C ALA A 23 14.19 4.13 1.42
N HIS A 24 13.27 4.62 2.24
CA HIS A 24 11.86 4.31 2.03
C HIS A 24 11.41 4.75 0.64
N LEU A 25 10.75 3.83 -0.06
CA LEU A 25 10.24 4.07 -1.40
C LEU A 25 8.71 3.95 -1.44
N CYS A 26 8.18 2.88 -0.89
CA CYS A 26 6.74 2.58 -1.03
C CYS A 26 6.30 1.90 0.24
N GLY A 27 5.00 1.93 0.49
CA GLY A 27 4.42 1.04 1.46
C GLY A 27 4.27 -0.36 0.90
N GLY A 28 3.94 -1.27 1.81
CA GLY A 28 3.61 -2.63 1.46
C GLY A 28 2.89 -3.27 2.63
N VAL A 29 2.43 -4.51 2.41
CA VAL A 29 1.67 -5.21 3.43
C VAL A 29 2.09 -6.66 3.46
N LEU A 30 2.43 -7.15 4.65
CA LEU A 30 2.76 -8.56 4.84
C LEU A 30 1.47 -9.38 4.71
N VAL A 31 1.40 -10.24 3.68
CA VAL A 31 0.19 -11.03 3.40
C VAL A 31 0.41 -12.52 3.63
N ALA A 32 1.65 -12.93 3.83
CA ALA A 32 1.99 -14.31 4.17
C ALA A 32 3.31 -14.25 4.91
N GLU A 33 3.77 -15.37 5.44
CA GLU A 33 4.98 -15.32 6.23
C GLU A 33 6.20 -14.84 5.45
N GLN A 34 6.26 -15.13 4.15
CA GLN A 34 7.41 -14.80 3.34
C GLN A 34 7.11 -13.80 2.23
N TRP A 35 5.93 -13.17 2.25
CA TRP A 35 5.49 -12.38 1.09
C TRP A 35 4.87 -11.06 1.49
N VAL A 36 5.33 -10.01 0.83
CA VAL A 36 4.83 -8.67 0.99
C VAL A 36 4.22 -8.21 -0.35
N LEU A 37 3.03 -7.66 -0.27
CA LEU A 37 2.32 -7.11 -1.41
C LEU A 37 2.51 -5.60 -1.43
N SER A 38 2.76 -5.07 -2.63
CA SER A 38 2.95 -3.64 -2.85
C SER A 38 2.44 -3.32 -4.27
N ALA A 39 2.88 -2.19 -4.82
CA ALA A 39 2.48 -1.75 -6.14
C ALA A 39 3.60 -1.94 -7.15
N ALA A 40 3.23 -2.34 -8.36
CA ALA A 40 4.20 -2.58 -9.42
C ALA A 40 5.04 -1.37 -9.81
N HIS A 41 4.43 -0.19 -9.91
CA HIS A 41 5.19 1.00 -10.31
C HIS A 41 6.32 1.30 -9.33
N CYS A 42 6.22 0.79 -8.11
CA CYS A 42 7.28 1.04 -7.13
C CYS A 42 8.64 0.64 -7.64
N LEU A 43 8.71 -0.43 -8.41
CA LEU A 43 9.99 -0.92 -8.86
C LEU A 43 10.38 -0.52 -10.27
N GLU A 44 9.62 0.43 -10.85
CA GLU A 44 9.99 1.05 -12.13
C GLU A 44 11.33 1.76 -12.05
N ASP A 45 12.19 1.47 -13.01
CA ASP A 45 13.55 2.00 -13.06
C ASP A 45 14.31 1.80 -11.74
N ALA A 46 13.90 0.79 -10.96
CA ALA A 46 14.66 0.37 -9.80
C ALA A 46 15.96 -0.29 -10.26
N ALA A 47 15.93 -0.78 -11.50
CA ALA A 47 17.07 -1.43 -12.16
C ALA A 47 17.63 -2.50 -11.24
N ASP A 48 18.94 -2.46 -11.00
CA ASP A 48 19.56 -3.45 -10.14
C ASP A 48 19.86 -2.88 -8.74
N GLY A 49 19.06 -1.90 -8.32
CA GLY A 49 19.11 -1.35 -6.96
C GLY A 49 18.74 -2.38 -5.91
N LYS A 50 19.14 -2.14 -4.67
CA LYS A 50 18.93 -3.11 -3.61
C LYS A 50 17.54 -2.90 -3.03
N VAL A 51 16.66 -3.87 -3.24
CA VAL A 51 15.30 -3.81 -2.74
C VAL A 51 15.22 -4.59 -1.44
N GLN A 52 14.75 -3.93 -0.39
CA GLN A 52 14.60 -4.59 0.90
C GLN A 52 13.25 -4.25 1.48
N VAL A 53 12.86 -4.98 2.50
CA VAL A 53 11.59 -4.72 3.15
C VAL A 53 11.82 -4.59 4.66
N LEU A 54 11.39 -3.46 5.22
CA LEU A 54 11.49 -3.25 6.64
C LEU A 54 10.17 -3.62 7.31
N LEU A 55 10.22 -4.61 8.20
CA LEU A 55 9.07 -5.05 8.99
C LEU A 55 9.26 -4.70 10.44
N GLY A 56 8.16 -4.63 11.18
CA GLY A 56 8.20 -4.39 12.61
C GLY A 56 8.53 -2.97 12.99
N ALA A 57 8.44 -2.04 12.05
CA ALA A 57 8.91 -0.67 12.25
C ALA A 57 7.82 0.31 12.61
N HIS A 58 8.24 1.30 13.38
CA HIS A 58 7.49 2.53 13.54
C HIS A 58 8.32 3.69 12.99
N SER A 59 9.48 3.90 13.59
CA SER A 59 10.47 4.82 13.10
C SER A 59 11.31 4.22 11.99
N LEU A 60 11.52 4.97 10.90
CA LEU A 60 12.45 4.53 9.86
C LEU A 60 13.89 4.58 10.32
N SER A 61 14.22 5.46 11.26
CA SER A 61 15.64 5.71 11.56
C SER A 61 16.13 5.13 12.88
N GLN A 62 15.21 4.91 13.81
CA GLN A 62 15.60 4.61 15.21
C GLN A 62 15.53 3.11 15.48
N PRO A 63 16.40 2.63 16.40
CA PRO A 63 16.37 1.21 16.73
C PRO A 63 15.12 0.83 17.50
N GLU A 64 14.54 -0.31 17.15
CA GLU A 64 13.35 -0.84 17.81
C GLU A 64 13.52 -2.35 17.86
N PRO A 65 13.16 -3.00 18.96
CA PRO A 65 13.44 -4.43 19.06
C PRO A 65 12.79 -5.28 17.98
N SER A 66 11.60 -4.88 17.52
CA SER A 66 10.87 -5.64 16.52
C SER A 66 11.28 -5.32 15.09
N LYS A 67 12.08 -4.27 14.87
CA LYS A 67 12.41 -3.87 13.51
C LYS A 67 13.40 -4.81 12.90
N ARG A 68 13.11 -5.29 11.69
N ARG A 68 13.14 -5.24 11.66
CA ARG A 68 14.07 -6.06 10.93
CA ARG A 68 14.04 -6.14 10.96
C ARG A 68 13.95 -5.71 9.47
C ARG A 68 13.96 -5.85 9.47
N LEU A 69 15.12 -5.59 8.85
CA LEU A 69 15.22 -5.33 7.42
C LEU A 69 15.52 -6.61 6.69
N TYR A 70 14.59 -7.04 5.84
CA TYR A 70 14.70 -8.28 5.08
C TYR A 70 15.19 -8.02 3.67
N ASP A 71 16.05 -8.91 3.21
CA ASP A 71 16.37 -8.95 1.80
C ASP A 71 15.24 -9.61 1.02
N VAL A 72 15.27 -9.38 -0.29
CA VAL A 72 14.23 -9.87 -1.19
C VAL A 72 14.83 -10.88 -2.17
N LEU A 73 14.29 -12.09 -2.12
CA LEU A 73 14.70 -13.16 -3.02
C LEU A 73 14.15 -12.97 -4.43
N ARG A 74 12.86 -12.59 -4.52
N ARG A 74 12.89 -12.56 -4.56
CA ARG A 74 12.09 -12.46 -5.78
CA ARG A 74 12.29 -12.37 -5.89
C ARG A 74 11.24 -11.21 -5.74
C ARG A 74 11.25 -11.28 -5.79
N ALA A 75 11.23 -10.43 -6.81
CA ALA A 75 10.23 -9.38 -7.00
C ALA A 75 9.39 -9.79 -8.19
N VAL A 76 8.08 -9.88 -7.99
CA VAL A 76 7.16 -10.38 -9.01
C VAL A 76 6.07 -9.32 -9.29
N PRO A 77 6.30 -8.48 -10.31
CA PRO A 77 5.24 -7.55 -10.69
C PRO A 77 4.13 -8.29 -11.43
N HIS A 78 2.90 -7.80 -11.34
CA HIS A 78 1.85 -8.41 -12.15
C HIS A 78 2.22 -8.36 -13.63
N PRO A 79 2.06 -9.47 -14.38
CA PRO A 79 2.48 -9.53 -15.78
C PRO A 79 1.78 -8.54 -16.68
N ASP A 80 0.60 -8.07 -16.32
CA ASP A 80 -0.15 -7.17 -17.17
C ASP A 80 0.05 -5.70 -16.75
N SER A 81 0.87 -5.44 -15.73
CA SER A 81 1.16 -4.06 -15.35
C SER A 81 1.98 -3.39 -16.45
N GLN A 82 1.82 -2.08 -16.57
CA GLN A 82 2.54 -1.27 -17.58
C GLN A 82 2.83 0.10 -17.00
N PRO A 83 4.01 0.69 -17.35
CA PRO A 83 4.36 2.05 -16.93
C PRO A 83 3.30 3.14 -17.16
N ASP A 84 2.54 3.08 -18.24
CA ASP A 84 1.62 4.20 -18.50
C ASP A 84 0.16 3.98 -18.10
N THR A 85 -0.09 2.96 -17.27
CA THR A 85 -1.47 2.65 -16.85
C THR A 85 -1.56 2.46 -15.35
N ILE A 86 -2.78 2.54 -14.81
CA ILE A 86 -3.05 2.29 -13.40
C ILE A 86 -3.57 0.86 -13.16
N ASP A 87 -3.57 0.06 -14.22
CA ASP A 87 -4.19 -1.26 -14.17
C ASP A 87 -3.20 -2.32 -13.69
N HIS A 88 -3.70 -3.28 -12.91
CA HIS A 88 -2.91 -4.44 -12.49
C HIS A 88 -1.66 -4.01 -11.73
N ASP A 89 -1.78 -2.95 -10.95
CA ASP A 89 -0.60 -2.33 -10.33
C ASP A 89 -0.23 -3.00 -9.01
N LEU A 90 0.14 -4.27 -9.09
CA LEU A 90 0.50 -5.06 -7.92
C LEU A 90 1.88 -5.66 -8.08
N LEU A 91 2.53 -5.86 -6.95
CA LEU A 91 3.88 -6.39 -6.86
C LEU A 91 3.94 -7.31 -5.67
N LEU A 92 4.48 -8.52 -5.84
CA LEU A 92 4.74 -9.40 -4.72
C LEU A 92 6.22 -9.54 -4.50
N LEU A 93 6.65 -9.36 -3.25
CA LEU A 93 8.05 -9.46 -2.87
C LEU A 93 8.21 -10.67 -1.97
N GLN A 94 9.03 -11.62 -2.41
CA GLN A 94 9.36 -12.79 -1.61
C GLN A 94 10.57 -12.45 -0.76
N LEU A 95 10.38 -12.46 0.55
CA LEU A 95 11.49 -12.20 1.45
C LEU A 95 12.50 -13.35 1.37
N SER A 96 13.74 -13.06 1.75
CA SER A 96 14.76 -14.10 1.67
C SER A 96 14.53 -15.26 2.62
N GLU A 97 13.78 -15.02 3.69
CA GLU A 97 13.34 -16.10 4.56
C GLU A 97 12.01 -15.66 5.16
N LYS A 98 11.29 -16.62 5.75
CA LYS A 98 10.06 -16.28 6.43
C LYS A 98 10.33 -15.25 7.51
N ALA A 99 9.42 -14.29 7.64
CA ALA A 99 9.54 -13.27 8.68
C ALA A 99 9.36 -13.88 10.06
N THR A 100 10.14 -13.37 11.01
CA THR A 100 9.94 -13.69 12.42
C THR A 100 8.69 -12.99 12.91
N LEU A 101 7.70 -13.78 13.33
CA LEU A 101 6.41 -13.22 13.69
C LEU A 101 6.36 -12.93 15.19
N GLY A 102 5.52 -11.99 15.58
CA GLY A 102 5.32 -11.65 16.99
C GLY A 102 4.27 -10.56 17.02
N PRO A 103 4.12 -9.92 18.19
CA PRO A 103 3.07 -8.91 18.32
C PRO A 103 3.22 -7.73 17.36
N ALA A 104 4.44 -7.47 16.89
CA ALA A 104 4.70 -6.33 16.02
C ALA A 104 4.91 -6.71 14.54
N VAL A 105 4.89 -8.01 14.24
CA VAL A 105 5.05 -8.49 12.87
C VAL A 105 4.10 -9.67 12.64
N ARG A 106 3.09 -9.45 11.83
CA ARG A 106 2.06 -10.48 11.59
C ARG A 106 1.39 -10.20 10.26
N PRO A 107 1.19 -11.24 9.42
CA PRO A 107 0.45 -11.02 8.19
C PRO A 107 -1.00 -10.59 8.44
N LEU A 108 -1.53 -9.80 7.52
CA LEU A 108 -2.90 -9.34 7.58
C LEU A 108 -3.80 -10.24 6.75
N PRO A 109 -4.95 -10.70 7.28
CA PRO A 109 -5.90 -11.42 6.40
C PRO A 109 -6.33 -10.52 5.26
N TRP A 110 -6.52 -11.13 4.09
CA TRP A 110 -6.83 -10.35 2.89
C TRP A 110 -8.07 -10.91 2.18
N GLN A 111 -8.79 -10.02 1.54
CA GLN A 111 -10.09 -10.33 0.96
C GLN A 111 -10.00 -11.17 -0.30
N ARG A 112 -10.67 -12.32 -0.29
CA ARG A 112 -10.77 -13.13 -1.51
C ARG A 112 -12.15 -13.13 -2.12
N VAL A 113 -13.15 -12.62 -1.42
CA VAL A 113 -14.51 -12.60 -1.97
C VAL A 113 -14.59 -11.36 -2.85
N ASP A 114 -14.81 -11.57 -4.14
CA ASP A 114 -14.76 -10.48 -5.11
C ASP A 114 -16.11 -9.78 -5.16
N ARG A 115 -16.35 -8.93 -4.17
CA ARG A 115 -17.52 -8.07 -4.08
C ARG A 115 -17.03 -6.73 -3.54
N ASP A 116 -17.56 -5.65 -4.07
CA ASP A 116 -17.12 -4.31 -3.71
C ASP A 116 -17.33 -4.00 -2.24
N VAL A 117 -16.40 -3.24 -1.69
CA VAL A 117 -16.62 -2.63 -0.39
C VAL A 117 -17.75 -1.59 -0.52
N ALA A 118 -18.68 -1.58 0.43
CA ALA A 118 -19.79 -0.65 0.37
C ALA A 118 -19.32 0.80 0.48
N PRO A 119 -19.91 1.68 -0.33
CA PRO A 119 -19.61 3.10 -0.19
C PRO A 119 -19.81 3.58 1.24
N GLY A 120 -18.94 4.50 1.65
CA GLY A 120 -18.97 5.05 2.99
C GLY A 120 -18.26 4.26 4.06
N THR A 121 -17.92 3.00 3.78
CA THR A 121 -17.16 2.18 4.73
C THR A 121 -15.88 2.91 5.09
N LEU A 122 -15.61 3.00 6.39
CA LEU A 122 -14.39 3.65 6.87
C LEU A 122 -13.24 2.67 6.86
N CYS A 123 -12.20 3.01 6.11
CA CYS A 123 -11.03 2.15 5.96
C CYS A 123 -9.78 2.90 6.38
N ASP A 124 -8.78 2.15 6.78
CA ASP A 124 -7.53 2.72 7.29
C ASP A 124 -6.44 2.59 6.27
N VAL A 125 -5.70 3.67 6.02
N VAL A 125 -5.71 3.68 6.04
CA VAL A 125 -4.50 3.60 5.20
CA VAL A 125 -4.53 3.69 5.18
C VAL A 125 -3.36 4.26 5.97
C VAL A 125 -3.39 4.23 6.02
N ALA A 126 -2.21 3.63 5.91
CA ALA A 126 -1.04 4.06 6.67
C ALA A 126 0.14 4.12 5.75
N GLY A 127 1.12 4.96 6.11
CA GLY A 127 2.31 5.04 5.34
C GLY A 127 3.30 6.06 5.85
N TRP A 128 4.49 6.01 5.23
CA TRP A 128 5.58 6.92 5.51
C TRP A 128 5.76 7.95 4.39
N GLY A 129 4.71 8.17 3.59
CA GLY A 129 4.80 9.14 2.52
C GLY A 129 4.74 10.57 3.01
N ILE A 130 4.81 11.52 2.07
CA ILE A 130 4.89 12.92 2.43
C ILE A 130 3.65 13.39 3.18
N VAL A 131 3.87 14.35 4.08
CA VAL A 131 2.82 14.82 4.96
C VAL A 131 2.40 16.27 4.73
N ASN A 132 3.00 16.94 3.75
CA ASN A 132 2.59 18.29 3.38
C ASN A 132 3.00 18.60 1.97
N HIS A 133 2.57 19.75 1.47
CA HIS A 133 2.84 20.11 0.08
C HIS A 133 4.31 20.39 -0.19
N ALA A 134 5.07 20.73 0.85
CA ALA A 134 6.50 20.95 0.71
C ALA A 134 7.25 19.64 0.49
N GLY A 135 6.61 18.53 0.80
CA GLY A 135 7.22 17.20 0.68
C GLY A 135 7.92 16.70 1.93
N ARG A 136 7.59 17.25 3.10
CA ARG A 136 8.18 16.75 4.35
C ARG A 136 7.95 15.24 4.48
N ARG A 137 9.01 14.53 4.80
CA ARG A 137 8.99 13.07 4.99
C ARG A 137 8.98 12.75 6.48
N PRO A 138 7.96 12.05 6.98
CA PRO A 138 7.92 11.72 8.39
C PRO A 138 8.90 10.59 8.74
N ASP A 139 9.47 10.65 9.92
CA ASP A 139 10.26 9.55 10.41
C ASP A 139 9.39 8.36 10.81
N SER A 140 8.17 8.61 11.27
CA SER A 140 7.36 7.56 11.81
C SER A 140 6.06 7.38 11.02
N LEU A 141 5.48 6.20 11.17
CA LEU A 141 4.31 5.81 10.44
C LEU A 141 3.13 6.72 10.76
N GLN A 142 2.46 7.18 9.71
CA GLN A 142 1.25 8.00 9.80
C GLN A 142 0.05 7.20 9.29
N HIS A 143 -1.15 7.64 9.64
CA HIS A 143 -2.31 6.99 9.11
C HIS A 143 -3.49 7.94 9.05
N VAL A 144 -4.50 7.53 8.28
CA VAL A 144 -5.74 8.29 8.19
C VAL A 144 -6.87 7.29 7.93
N LEU A 145 -8.06 7.64 8.38
CA LEU A 145 -9.27 6.89 8.11
C LEU A 145 -10.01 7.58 6.99
N LEU A 146 -10.37 6.82 5.95
CA LEU A 146 -11.01 7.37 4.77
C LEU A 146 -12.28 6.59 4.43
N PRO A 147 -13.37 7.29 4.05
CA PRO A 147 -14.55 6.56 3.57
C PRO A 147 -14.40 6.16 2.12
N VAL A 148 -14.86 4.95 1.81
CA VAL A 148 -14.92 4.45 0.45
C VAL A 148 -15.87 5.33 -0.37
N LEU A 149 -15.47 5.65 -1.59
CA LEU A 149 -16.27 6.44 -2.51
C LEU A 149 -16.83 5.50 -3.57
N ASP A 150 -18.13 5.62 -3.86
CA ASP A 150 -18.74 4.77 -4.89
C ASP A 150 -18.09 4.96 -6.25
N ARG A 151 -18.01 3.87 -7.01
CA ARG A 151 -17.29 3.87 -8.27
C ARG A 151 -17.89 4.82 -9.29
N ALA A 152 -19.22 4.92 -9.34
CA ALA A 152 -19.85 5.83 -10.29
C ALA A 152 -19.40 7.28 -10.07
N THR A 153 -19.39 7.74 -8.82
CA THR A 153 -18.90 9.09 -8.54
C THR A 153 -17.45 9.22 -8.94
N CYS A 154 -16.66 8.23 -8.56
CA CYS A 154 -15.24 8.29 -8.87
C CYS A 154 -14.95 8.36 -10.37
N ASN A 155 -15.86 7.77 -11.15
CA ASN A 155 -15.76 7.77 -12.61
C ASN A 155 -16.28 8.99 -13.34
N ARG A 156 -16.90 9.92 -12.61
CA ARG A 156 -17.40 11.15 -13.25
C ARG A 156 -16.28 11.89 -13.96
N ARG A 157 -16.62 12.58 -15.04
CA ARG A 157 -15.64 13.36 -15.81
C ARG A 157 -14.81 14.30 -14.91
N THR A 158 -15.48 14.91 -13.93
CA THR A 158 -14.81 15.81 -12.98
C THR A 158 -13.78 15.12 -12.10
N HIS A 159 -13.95 13.81 -11.91
CA HIS A 159 -13.10 13.01 -11.03
C HIS A 159 -12.11 12.22 -11.89
N HIS A 160 -12.27 10.90 -12.01
CA HIS A 160 -11.30 10.08 -12.73
C HIS A 160 -11.78 9.61 -14.12
N ASP A 161 -12.92 10.14 -14.55
CA ASP A 161 -13.35 10.12 -15.96
C ASP A 161 -13.23 8.74 -16.59
N GLY A 162 -13.94 7.78 -16.01
CA GLY A 162 -14.04 6.44 -16.59
C GLY A 162 -12.90 5.48 -16.34
N ALA A 163 -11.84 5.90 -15.63
CA ALA A 163 -10.63 5.09 -15.45
C ALA A 163 -10.78 4.00 -14.37
N ILE A 164 -11.85 4.07 -13.59
CA ILE A 164 -11.96 3.16 -12.45
C ILE A 164 -12.73 1.94 -12.92
N THR A 165 -11.97 0.88 -13.20
CA THR A 165 -12.54 -0.41 -13.56
C THR A 165 -13.12 -1.13 -12.35
N GLU A 166 -13.72 -2.29 -12.59
CA GLU A 166 -14.25 -3.11 -11.52
C GLU A 166 -13.14 -3.68 -10.62
N ARG A 167 -11.90 -3.62 -11.11
CA ARG A 167 -10.74 -4.13 -10.36
C ARG A 167 -10.11 -3.07 -9.45
N LEU A 168 -10.64 -1.83 -9.49
CA LEU A 168 -10.17 -0.70 -8.71
C LEU A 168 -11.27 -0.18 -7.82
N MET A 169 -10.86 0.52 -6.74
CA MET A 169 -11.81 1.18 -5.87
C MET A 169 -11.25 2.55 -5.53
N CYS A 170 -12.10 3.38 -4.93
CA CYS A 170 -11.74 4.74 -4.58
C CYS A 170 -12.09 5.04 -3.15
N ALA A 171 -11.35 5.99 -2.59
CA ALA A 171 -11.68 6.54 -1.28
C ALA A 171 -11.68 8.05 -1.39
N GLU A 172 -12.45 8.69 -0.53
CA GLU A 172 -12.47 10.14 -0.51
C GLU A 172 -11.06 10.71 -0.25
N SER A 173 -10.83 11.92 -0.76
CA SER A 173 -9.53 12.59 -0.73
C SER A 173 -9.69 14.04 -0.31
N ASN A 174 -10.70 14.33 0.49
CA ASN A 174 -10.97 15.71 0.89
C ASN A 174 -10.11 16.08 2.08
N ARG A 175 -8.96 16.68 1.79
CA ARG A 175 -7.95 17.06 2.79
C ARG A 175 -7.17 15.86 3.36
N ARG A 176 -7.88 14.78 3.68
CA ARG A 176 -7.27 13.57 4.19
C ARG A 176 -7.03 12.64 3.01
N ASP A 177 -5.80 12.14 2.86
CA ASP A 177 -5.48 11.35 1.67
C ASP A 177 -4.15 10.61 1.84
N SER A 178 -3.94 9.61 0.99
CA SER A 178 -2.61 9.05 0.74
C SER A 178 -1.87 10.00 -0.20
N CYS A 179 -0.54 9.92 -0.21
CA CYS A 179 0.27 10.81 -1.02
C CYS A 179 1.56 10.11 -1.48
N LYS A 180 2.46 10.86 -2.11
CA LYS A 180 3.72 10.31 -2.61
C LYS A 180 4.44 9.55 -1.50
N GLY A 181 4.84 8.31 -1.80
CA GLY A 181 5.51 7.48 -0.81
C GLY A 181 4.58 6.55 -0.05
N ASP A 182 3.28 6.76 -0.19
CA ASP A 182 2.29 5.88 0.38
C ASP A 182 1.85 4.78 -0.58
N SER A 183 2.22 4.91 -1.85
CA SER A 183 1.91 3.93 -2.89
C SER A 183 2.34 2.56 -2.44
N GLY A 184 1.53 1.55 -2.78
CA GLY A 184 1.85 0.20 -2.37
C GLY A 184 1.34 -0.22 -1.02
N GLY A 185 0.93 0.75 -0.19
CA GLY A 185 0.47 0.43 1.13
C GLY A 185 -0.96 -0.06 1.17
N PRO A 186 -1.36 -0.53 2.35
CA PRO A 186 -2.64 -1.20 2.52
C PRO A 186 -3.80 -0.29 2.85
N LEU A 187 -4.94 -0.56 2.23
CA LEU A 187 -6.23 -0.02 2.63
C LEU A 187 -6.97 -1.16 3.31
N VAL A 188 -7.24 -0.97 4.60
CA VAL A 188 -7.73 -2.03 5.46
C VAL A 188 -9.14 -1.67 5.90
N CYS A 189 -10.09 -2.58 5.72
CA CYS A 189 -11.47 -2.31 6.11
C CYS A 189 -11.93 -3.44 7.00
N GLY A 190 -12.37 -3.10 8.21
CA GLY A 190 -12.80 -4.10 9.18
C GLY A 190 -11.79 -5.19 9.44
N GLY A 191 -10.51 -4.79 9.51
CA GLY A 191 -9.45 -5.72 9.83
C GLY A 191 -9.01 -6.64 8.70
N VAL A 192 -9.48 -6.39 7.48
CA VAL A 192 -9.13 -7.22 6.33
C VAL A 192 -8.58 -6.32 5.23
N LEU A 193 -7.50 -6.75 4.60
CA LEU A 193 -6.95 -5.99 3.47
C LEU A 193 -7.92 -5.99 2.31
N GLU A 194 -8.27 -4.80 1.82
CA GLU A 194 -9.14 -4.64 0.66
C GLU A 194 -8.43 -4.02 -0.53
N GLY A 195 -7.50 -3.09 -0.30
CA GLY A 195 -6.91 -2.37 -1.39
C GLY A 195 -5.43 -2.16 -1.20
N VAL A 196 -4.76 -1.86 -2.30
CA VAL A 196 -3.37 -1.44 -2.31
C VAL A 196 -3.28 -0.10 -3.01
N VAL A 197 -2.69 0.89 -2.35
CA VAL A 197 -2.61 2.22 -2.93
C VAL A 197 -1.94 2.14 -4.30
N THR A 198 -2.56 2.73 -5.31
CA THR A 198 -1.90 2.75 -6.60
C THR A 198 -0.67 3.67 -6.58
N SER A 199 0.17 3.49 -7.57
CA SER A 199 1.44 4.20 -7.50
C SER A 199 1.61 5.26 -8.59
N GLY A 200 0.50 5.64 -9.24
CA GLY A 200 0.50 6.76 -10.16
C GLY A 200 0.51 8.11 -9.46
N SER A 201 1.24 9.07 -10.04
CA SER A 201 1.30 10.40 -9.45
C SER A 201 -0.09 10.99 -9.51
N ARG A 202 -0.53 11.48 -8.37
CA ARG A 202 -1.86 12.01 -8.25
C ARG A 202 -1.78 13.15 -7.24
N VAL A 203 -2.48 14.24 -7.51
CA VAL A 203 -2.58 15.30 -6.54
C VAL A 203 -3.14 14.71 -5.23
N CYS A 204 -2.63 15.18 -4.09
CA CYS A 204 -3.11 14.66 -2.80
C CYS A 204 -3.99 15.69 -2.12
N GLY A 205 -5.07 15.20 -1.52
CA GLY A 205 -5.91 16.01 -0.65
C GLY A 205 -6.97 16.85 -1.34
N ASN A 206 -7.11 16.66 -2.65
CA ASN A 206 -8.14 17.36 -3.42
C ASN A 206 -9.34 16.45 -3.63
N ARG A 207 -10.49 16.86 -3.10
CA ARG A 207 -11.70 16.02 -3.16
C ARG A 207 -12.09 15.62 -4.60
N LYS A 208 -11.68 16.41 -5.59
CA LYS A 208 -12.02 16.14 -6.99
C LYS A 208 -11.17 15.06 -7.64
N LYS A 209 -10.10 14.63 -6.94
CA LYS A 209 -9.28 13.55 -7.44
C LYS A 209 -9.11 12.50 -6.33
N PRO A 210 -10.13 11.62 -6.18
CA PRO A 210 -10.11 10.61 -5.12
C PRO A 210 -8.93 9.68 -5.15
N GLY A 211 -8.59 9.10 -4.01
CA GLY A 211 -7.57 8.07 -3.99
C GLY A 211 -8.03 6.84 -4.72
N ILE A 212 -7.10 6.22 -5.45
CA ILE A 212 -7.37 5.00 -6.19
C ILE A 212 -6.57 3.84 -5.57
N TYR A 213 -7.26 2.71 -5.40
CA TYR A 213 -6.70 1.54 -4.74
C TYR A 213 -7.03 0.30 -5.57
N THR A 214 -6.06 -0.58 -5.75
CA THR A 214 -6.30 -1.84 -6.46
C THR A 214 -7.01 -2.79 -5.52
N ARG A 215 -8.09 -3.39 -5.99
CA ARG A 215 -8.85 -4.32 -5.16
C ARG A 215 -8.17 -5.68 -5.10
N VAL A 216 -7.67 -6.06 -3.93
CA VAL A 216 -6.94 -7.33 -3.83
C VAL A 216 -7.81 -8.53 -4.16
N ALA A 217 -9.11 -8.45 -3.87
CA ALA A 217 -9.98 -9.59 -4.12
C ALA A 217 -10.03 -9.91 -5.61
N SER A 218 -9.87 -8.89 -6.46
CA SER A 218 -9.93 -9.06 -7.90
C SER A 218 -8.71 -9.85 -8.40
N TYR A 219 -7.65 -9.92 -7.59
CA TYR A 219 -6.40 -10.56 -7.97
C TYR A 219 -6.07 -11.77 -7.11
N ALA A 220 -7.07 -12.35 -6.46
CA ALA A 220 -6.84 -13.45 -5.53
C ALA A 220 -6.10 -14.63 -6.18
N ALA A 221 -6.54 -15.03 -7.38
CA ALA A 221 -5.89 -16.16 -8.04
C ALA A 221 -4.45 -15.85 -8.43
N TRP A 222 -4.17 -14.63 -8.85
CA TRP A 222 -2.79 -14.25 -9.17
C TRP A 222 -1.89 -14.30 -7.94
N ILE A 223 -2.38 -13.75 -6.82
CA ILE A 223 -1.60 -13.76 -5.57
C ILE A 223 -1.27 -15.25 -5.30
N ASP A 224 -2.28 -16.12 -5.39
CA ASP A 224 -2.07 -17.55 -5.14
C ASP A 224 -1.08 -18.20 -6.08
N SER A 225 -1.12 -17.83 -7.35
CA SER A 225 -0.21 -18.45 -8.31
C SER A 225 1.25 -18.09 -8.00
N VAL A 226 1.49 -16.82 -7.70
CA VAL A 226 2.84 -16.39 -7.42
C VAL A 226 3.41 -17.08 -6.19
N LEU A 227 2.64 -17.13 -5.11
CA LEU A 227 3.10 -17.87 -3.93
C LEU A 227 3.38 -19.35 -4.19
N ALA A 228 2.59 -19.99 -5.05
CA ALA A 228 2.82 -21.39 -5.38
C ALA A 228 4.08 -21.56 -6.22
C1 GOL B . -17.88 0.41 -4.99
O1 GOL B . -18.63 1.45 -5.59
C2 GOL B . -16.71 0.95 -4.19
O2 GOL B . -16.09 -0.11 -3.47
C3 GOL B . -15.70 1.64 -5.11
O3 GOL B . -14.75 2.36 -4.36
C1 GOL C . -11.81 -0.21 8.94
O1 GOL C . -12.82 -0.80 9.73
C2 GOL C . -10.66 0.24 9.83
O2 GOL C . -11.09 0.41 11.16
C3 GOL C . -9.51 -0.76 9.75
O3 GOL C . -9.90 -2.07 10.08
C2 8RT D . 8.97 9.76 0.84
C41 8RT D . 2.92 10.03 -6.15
C42 8RT D . 3.95 10.85 -6.64
C44 8RT D . 3.76 12.24 -6.59
C46 8RT D . 2.58 12.80 -6.06
C48 8RT D . 1.57 11.97 -5.56
C50 8RT D . -0.36 9.80 -4.61
C12 8RT D . 10.91 9.38 -3.21
C14 8RT D . 10.85 9.51 -1.83
C18 8RT D . 7.60 6.96 -4.86
C20 8RT D . 6.72 5.82 -5.29
C23 8RT D . 5.69 5.83 -7.55
C26 8RT D . 6.50 4.53 -7.35
C29 8RT D . 7.52 4.89 -6.24
F1 8RT D . 9.14 9.67 2.19
F3 8RT D . 9.22 11.02 0.37
F4 8RT D . 7.70 9.38 0.55
O5 8RT D . 9.88 8.84 0.29
C6 8RT D . 9.95 8.74 -1.09
C7 8RT D . 9.09 7.84 -1.72
C9 8RT D . 9.12 7.72 -3.09
C10 8RT D . 10.04 8.49 -3.85
N16 8RT D . 8.25 6.80 -3.69
O19 8RT D . 7.68 7.98 -5.55
N22 8RT D . 5.64 6.29 -6.16
C32 8RT D . 4.70 7.14 -5.67
O33 8RT D . 4.74 7.44 -4.49
N34 8RT D . 3.64 7.63 -6.40
C36 8RT D . 2.70 8.54 -6.00
C37 8RT D . 1.50 8.39 -5.42
N39 8RT D . 0.96 9.58 -5.20
C40 8RT D . 1.77 10.58 -5.62
#